data_5D3D
#
_entry.id   5D3D
#
_cell.length_a   58.000
_cell.length_b   79.220
_cell.length_c   96.380
_cell.angle_alpha   90.00
_cell.angle_beta   90.00
_cell.angle_gamma   90.00
#
_symmetry.space_group_name_H-M   'P 21 21 21'
#
loop_
_entity.id
_entity.type
_entity.pdbx_description
1 polymer 'Staphylococcal Superantigen-Like protein 3'
2 non-polymer 'CHLORIDE ION'
3 non-polymer 'THIOCYANATE ION'
4 non-polymer GLYCEROL
5 non-polymer 'SODIUM ION'
6 water water
#
_entity_poly.entity_id   1
_entity_poly.type   'polypeptide(L)'
_entity_poly.pdbx_seq_one_letter_code
;GSMTPKYEDLRAYYTKPSFEFEKQFGFMLKPWTTVRFMNVIPNRFIYKIALVGKDEKKYKDGPYDNIDVFIVLEDNKYQL
KKYSVGGITKTNSKKVNHKVELSITKKDNQGMISRDVSEYMITKEEISLKELDFKLRKQLIEKHNLYGNMGSGTIVIKMK
NGGKYTFELHKKLQEHRMADVIDGTNIDNIEVNIK
;
_entity_poly.pdbx_strand_id   A,B
#
# COMPACT_ATOMS: atom_id res chain seq x y z
N LYS A 6 -18.60 -3.40 -36.79
CA LYS A 6 -17.65 -2.26 -36.94
C LYS A 6 -17.32 -1.59 -35.60
N TYR A 7 -18.33 -1.41 -34.75
CA TYR A 7 -18.17 -0.69 -33.50
C TYR A 7 -18.10 -1.60 -32.26
N GLU A 8 -17.73 -2.85 -32.47
CA GLU A 8 -17.75 -3.86 -31.41
C GLU A 8 -16.69 -3.58 -30.32
N ASP A 9 -15.52 -3.11 -30.72
CA ASP A 9 -14.45 -2.80 -29.76
C ASP A 9 -14.84 -1.64 -28.85
N LEU A 10 -15.41 -0.60 -29.45
CA LEU A 10 -15.87 0.55 -28.69
C LEU A 10 -17.00 0.18 -27.74
N ARG A 11 -17.94 -0.62 -28.22
CA ARG A 11 -19.08 -1.02 -27.41
C ARG A 11 -18.62 -1.84 -26.23
N ALA A 12 -17.70 -2.76 -26.49
CA ALA A 12 -17.12 -3.58 -25.42
C ALA A 12 -16.40 -2.74 -24.38
N TYR A 13 -15.57 -1.80 -24.83
CA TYR A 13 -14.81 -0.98 -23.89
C TYR A 13 -15.72 -0.10 -23.04
N TYR A 14 -16.66 0.57 -23.69
CA TYR A 14 -17.50 1.51 -23.00
C TYR A 14 -18.72 0.89 -22.29
N THR A 15 -18.79 -0.43 -22.24
CA THR A 15 -19.73 -1.11 -21.35
C THR A 15 -18.99 -1.89 -20.26
N LYS A 16 -17.67 -1.73 -20.15
CA LYS A 16 -16.95 -2.29 -19.02
C LYS A 16 -17.48 -1.71 -17.71
N PRO A 17 -17.36 -2.47 -16.62
CA PRO A 17 -17.68 -1.86 -15.33
C PRO A 17 -16.67 -0.78 -15.02
N SER A 18 -17.09 0.26 -14.32
CA SER A 18 -16.15 1.23 -13.77
C SER A 18 -16.22 1.19 -12.25
N PHE A 19 -15.19 1.69 -11.59
CA PHE A 19 -15.12 1.77 -10.14
C PHE A 19 -14.69 3.18 -9.78
N GLU A 20 -15.27 3.70 -8.70
CA GLU A 20 -14.99 5.06 -8.23
CA GLU A 20 -14.90 5.03 -8.26
C GLU A 20 -14.76 5.03 -6.74
N PHE A 21 -13.74 5.74 -6.28
CA PHE A 21 -13.45 5.81 -4.86
C PHE A 21 -13.08 7.23 -4.54
N GLU A 22 -13.43 7.68 -3.34
CA GLU A 22 -13.09 9.03 -2.93
C GLU A 22 -12.14 9.02 -1.75
N LYS A 23 -11.48 10.15 -1.52
CA LYS A 23 -10.64 10.35 -0.35
C LYS A 23 -9.65 9.20 -0.17
N GLN A 24 -8.93 8.90 -1.24
CA GLN A 24 -7.95 7.84 -1.23
C GLN A 24 -6.55 8.37 -0.96
N PHE A 25 -5.70 7.46 -0.51
CA PHE A 25 -4.31 7.72 -0.26
C PHE A 25 -3.54 7.11 -1.42
N GLY A 26 -2.99 7.95 -2.28
CA GLY A 26 -2.21 7.54 -3.45
C GLY A 26 -0.73 7.42 -3.11
N PHE A 27 -0.10 6.32 -3.52
CA PHE A 27 1.32 6.14 -3.31
C PHE A 27 2.00 5.55 -4.53
N MET A 28 3.31 5.78 -4.61
CA MET A 28 4.14 5.30 -5.71
CA MET A 28 4.14 5.29 -5.71
C MET A 28 5.09 4.20 -5.24
N LEU A 29 5.33 3.23 -6.10
CA LEU A 29 6.18 2.08 -5.85
C LEU A 29 7.29 2.07 -6.89
N LYS A 30 8.18 1.09 -6.79
CA LYS A 30 9.14 0.84 -7.83
C LYS A 30 8.39 0.71 -9.13
N PRO A 31 8.81 1.44 -10.16
CA PRO A 31 8.08 1.38 -11.41
C PRO A 31 8.36 0.05 -12.09
N TRP A 32 7.34 -0.47 -12.77
CA TRP A 32 7.41 -1.73 -13.49
C TRP A 32 7.30 -1.54 -15.02
N THR A 33 7.17 -0.29 -15.46
CA THR A 33 7.27 0.06 -16.88
C THR A 33 7.75 1.48 -16.99
N THR A 34 7.91 1.96 -18.22
CA THR A 34 8.36 3.33 -18.47
C THR A 34 7.29 4.37 -18.08
N VAL A 35 6.04 3.96 -18.08
CA VAL A 35 4.94 4.78 -17.54
C VAL A 35 4.88 4.64 -16.01
N ARG A 36 4.75 5.75 -15.31
CA ARG A 36 4.65 5.71 -13.86
C ARG A 36 3.18 5.53 -13.45
N PHE A 37 2.99 5.00 -12.24
CA PHE A 37 1.68 4.65 -11.74
C PHE A 37 1.47 5.20 -10.35
N MET A 38 0.24 5.57 -10.07
CA MET A 38 -0.21 5.80 -8.70
CA MET A 38 -0.14 5.75 -8.68
C MET A 38 -1.00 4.59 -8.25
N ASN A 39 -0.81 4.19 -6.99
CA ASN A 39 -1.52 3.06 -6.44
C ASN A 39 -2.49 3.51 -5.33
N VAL A 40 -3.69 2.93 -5.32
CA VAL A 40 -4.64 3.14 -4.22
C VAL A 40 -5.21 1.80 -3.83
N ILE A 41 -5.49 1.65 -2.53
CA ILE A 41 -6.09 0.42 -1.98
C ILE A 41 -7.34 0.79 -1.19
N PRO A 42 -8.46 0.98 -1.88
CA PRO A 42 -9.69 1.31 -1.16
C PRO A 42 -10.13 0.20 -0.20
N ASN A 43 -9.94 -1.05 -0.62
CA ASN A 43 -10.30 -2.21 0.16
C ASN A 43 -9.06 -3.07 0.38
N ARG A 44 -8.95 -4.21 -0.30
CA ARG A 44 -7.73 -5.01 -0.23
C ARG A 44 -7.09 -5.23 -1.60
N PHE A 45 -7.66 -4.64 -2.66
CA PHE A 45 -7.11 -4.77 -4.01
C PHE A 45 -6.37 -3.50 -4.37
N ILE A 46 -5.15 -3.64 -4.84
CA ILE A 46 -4.34 -2.49 -5.21
C ILE A 46 -4.74 -2.05 -6.64
N TYR A 47 -5.30 -0.87 -6.79
CA TYR A 47 -5.54 -0.35 -8.13
C TYR A 47 -4.32 0.44 -8.56
N LYS A 48 -3.87 0.18 -9.78
CA LYS A 48 -2.73 0.83 -10.34
C LYS A 48 -3.24 1.75 -11.44
N ILE A 49 -2.91 3.04 -11.32
CA ILE A 49 -3.41 4.05 -12.23
C ILE A 49 -2.24 4.72 -12.94
N ALA A 50 -2.18 4.57 -14.26
CA ALA A 50 -1.10 5.16 -15.07
C ALA A 50 -1.17 6.69 -15.07
N LEU A 51 -0.01 7.30 -15.01
CA LEU A 51 0.11 8.75 -15.01
C LEU A 51 0.50 9.13 -16.42
N VAL A 52 -0.45 9.72 -17.13
CA VAL A 52 -0.24 10.12 -18.51
C VAL A 52 -0.61 11.58 -18.66
N GLY A 53 -0.30 12.16 -19.81
CA GLY A 53 -0.66 13.53 -20.11
C GLY A 53 -0.17 14.46 -19.02
N LYS A 54 -1.04 15.33 -18.56
CA LYS A 54 -0.65 16.30 -17.53
C LYS A 54 -0.37 15.66 -16.17
N ASP A 55 -0.80 14.43 -15.95
CA ASP A 55 -0.51 13.76 -14.67
C ASP A 55 0.97 13.43 -14.47
N GLU A 56 1.71 13.22 -15.56
CA GLU A 56 3.15 12.91 -15.47
C GLU A 56 3.90 14.05 -14.80
N LYS A 57 3.53 15.29 -15.11
CA LYS A 57 4.10 16.50 -14.49
C LYS A 57 3.56 16.73 -13.09
N LYS A 58 2.31 16.34 -12.88
CA LYS A 58 1.55 16.73 -11.69
C LYS A 58 1.95 15.97 -10.44
N TYR A 59 2.20 14.67 -10.57
CA TYR A 59 2.51 13.83 -9.41
C TYR A 59 3.92 13.33 -9.55
N LYS A 60 4.72 13.51 -8.50
CA LYS A 60 6.07 12.98 -8.46
C LYS A 60 6.08 11.76 -7.53
N ASP A 61 6.73 11.84 -6.37
CA ASP A 61 6.90 10.66 -5.52
C ASP A 61 5.79 10.47 -4.50
N GLY A 62 5.09 11.54 -4.15
CA GLY A 62 4.01 11.47 -3.16
C GLY A 62 4.49 11.11 -1.75
N PRO A 63 3.63 10.52 -0.92
CA PRO A 63 2.28 10.11 -1.29
C PRO A 63 1.33 11.29 -1.47
N TYR A 64 0.14 11.01 -1.97
CA TYR A 64 -0.87 12.02 -2.26
C TYR A 64 -2.16 11.59 -1.61
N ASP A 65 -2.52 12.29 -0.54
CA ASP A 65 -3.76 12.02 0.14
C ASP A 65 -4.89 12.78 -0.55
N ASN A 66 -6.10 12.40 -0.18
CA ASN A 66 -7.29 13.13 -0.59
C ASN A 66 -7.46 13.25 -2.09
N ILE A 67 -7.35 12.11 -2.75
CA ILE A 67 -7.60 12.03 -4.18
C ILE A 67 -8.79 11.14 -4.43
N ASP A 68 -9.46 11.44 -5.53
CA ASP A 68 -10.57 10.65 -6.00
C ASP A 68 -10.07 10.00 -7.26
N VAL A 69 -10.58 8.81 -7.55
CA VAL A 69 -10.18 8.07 -8.72
C VAL A 69 -11.39 7.48 -9.42
N PHE A 70 -11.40 7.59 -10.75
CA PHE A 70 -12.36 6.92 -11.59
C PHE A 70 -11.57 5.89 -12.39
N ILE A 71 -11.94 4.62 -12.22
CA ILE A 71 -11.15 3.49 -12.69
C ILE A 71 -11.90 2.65 -13.71
N VAL A 72 -11.22 2.34 -14.81
CA VAL A 72 -11.68 1.37 -15.80
C VAL A 72 -10.49 0.48 -16.07
N LEU A 73 -10.62 -0.83 -15.89
CA LEU A 73 -9.49 -1.72 -16.05
C LEU A 73 -9.28 -2.01 -17.54
N GLU A 74 -8.08 -1.72 -18.03
CA GLU A 74 -7.80 -1.83 -19.46
C GLU A 74 -7.59 -3.29 -19.89
N ASP A 75 -7.91 -3.60 -21.14
CA ASP A 75 -7.52 -4.89 -21.71
C ASP A 75 -6.09 -4.76 -22.24
N ASN A 76 -5.24 -5.62 -21.74
CA ASN A 76 -3.87 -5.71 -22.23
C ASN A 76 -3.45 -7.14 -22.00
N LYS A 77 -3.61 -7.92 -23.06
CA LYS A 77 -3.28 -9.34 -23.12
C LYS A 77 -1.85 -9.61 -22.63
N TYR A 78 -0.96 -8.62 -22.79
CA TYR A 78 0.46 -8.83 -22.56
C TYR A 78 0.97 -8.18 -21.30
N GLN A 79 0.06 -7.85 -20.38
CA GLN A 79 0.41 -7.41 -19.04
C GLN A 79 -0.51 -8.09 -18.02
N LEU A 80 0.07 -8.89 -17.13
CA LEU A 80 -0.71 -9.57 -16.09
CA LEU A 80 -0.66 -9.58 -16.03
C LEU A 80 -1.32 -8.60 -15.09
N LYS A 81 -0.62 -7.53 -14.76
CA LYS A 81 -1.16 -6.54 -13.82
CA LYS A 81 -1.16 -6.54 -13.83
C LYS A 81 -2.32 -5.81 -14.46
N LYS A 82 -3.44 -5.74 -13.75
CA LYS A 82 -4.58 -4.97 -14.21
C LYS A 82 -4.33 -3.50 -13.83
N TYR A 83 -4.60 -2.60 -14.76
CA TYR A 83 -4.37 -1.19 -14.51
C TYR A 83 -5.45 -0.34 -15.17
N SER A 84 -5.55 0.88 -14.69
CA SER A 84 -6.41 1.92 -15.30
C SER A 84 -5.53 3.11 -15.67
N VAL A 85 -6.07 4.05 -16.44
CA VAL A 85 -5.26 5.15 -16.99
C VAL A 85 -6.01 6.46 -16.73
N GLY A 86 -5.35 7.42 -16.10
CA GLY A 86 -5.94 8.73 -15.86
C GLY A 86 -7.00 8.71 -14.79
N GLY A 87 -7.91 9.67 -14.84
CA GLY A 87 -9.07 9.65 -13.94
C GLY A 87 -8.79 9.98 -12.49
N ILE A 88 -7.69 10.69 -12.23
CA ILE A 88 -7.34 11.11 -10.88
C ILE A 88 -7.70 12.57 -10.70
N THR A 89 -8.38 12.89 -9.60
CA THR A 89 -8.78 14.25 -9.29
C THR A 89 -8.59 14.52 -7.81
N LYS A 90 -8.54 15.80 -7.45
CA LYS A 90 -8.59 16.20 -6.04
C LYS A 90 -10.02 16.01 -5.51
N THR A 91 -10.15 15.53 -4.27
CA THR A 91 -11.44 15.28 -3.66
CA THR A 91 -11.44 15.27 -3.63
C THR A 91 -12.14 16.58 -3.35
N ASN A 92 -13.46 16.54 -3.27
CA ASN A 92 -14.24 17.72 -2.93
C ASN A 92 -13.87 18.31 -1.59
N SER A 93 -13.85 19.65 -1.52
CA SER A 93 -13.71 20.38 -0.28
C SER A 93 -15.08 20.62 0.34
N LYS A 94 -16.09 20.80 -0.51
CA LYS A 94 -17.49 20.85 -0.08
C LYS A 94 -18.33 19.99 -1.01
N LYS A 95 -19.55 19.68 -0.60
CA LYS A 95 -20.45 18.87 -1.43
C LYS A 95 -20.94 19.69 -2.62
N VAL A 96 -21.11 19.01 -3.76
CA VAL A 96 -21.51 19.60 -5.02
C VAL A 96 -22.67 18.80 -5.58
N ASN A 97 -23.72 19.52 -6.00
CA ASN A 97 -24.83 18.98 -6.76
C ASN A 97 -25.18 19.97 -7.86
N HIS A 98 -24.49 19.84 -8.98
CA HIS A 98 -24.54 20.81 -10.05
C HIS A 98 -25.20 20.09 -11.22
N LYS A 99 -26.48 20.37 -11.41
CA LYS A 99 -27.29 19.66 -12.39
C LYS A 99 -27.18 20.36 -13.72
N VAL A 100 -26.80 19.62 -14.74
CA VAL A 100 -26.69 20.21 -16.07
C VAL A 100 -27.54 19.43 -17.07
N GLU A 101 -27.96 20.13 -18.11
CA GLU A 101 -28.76 19.54 -19.15
C GLU A 101 -27.91 18.73 -20.07
N LEU A 102 -28.36 17.50 -20.33
CA LEU A 102 -27.80 16.64 -21.34
C LEU A 102 -28.78 16.52 -22.51
N SER A 103 -28.44 17.12 -23.65
CA SER A 103 -29.30 17.03 -24.83
C SER A 103 -28.66 16.06 -25.78
N ILE A 104 -29.50 15.26 -26.44
CA ILE A 104 -29.05 14.20 -27.32
C ILE A 104 -29.79 14.31 -28.64
N THR A 105 -29.05 14.66 -29.68
CA THR A 105 -29.56 14.65 -31.02
C THR A 105 -28.94 13.45 -31.75
N LYS A 106 -29.78 12.65 -32.40
CA LYS A 106 -29.29 11.50 -33.13
CA LYS A 106 -29.33 11.47 -33.10
C LYS A 106 -29.93 11.38 -34.51
N LYS A 107 -29.09 11.18 -35.51
CA LYS A 107 -29.51 10.95 -36.88
C LYS A 107 -29.18 9.50 -37.15
N ASP A 108 -30.21 8.67 -37.30
CA ASP A 108 -29.99 7.22 -37.40
C ASP A 108 -29.64 6.81 -38.82
N ASN A 109 -29.44 5.52 -39.03
CA ASN A 109 -29.01 5.02 -40.35
C ASN A 109 -30.03 5.24 -41.48
N GLN A 110 -31.28 5.55 -41.10
CA GLN A 110 -32.32 5.98 -42.03
C GLN A 110 -32.42 7.51 -42.14
N GLY A 111 -31.45 8.23 -41.59
CA GLY A 111 -31.41 9.69 -41.70
C GLY A 111 -32.46 10.42 -40.88
N MET A 112 -33.20 9.69 -40.06
CA MET A 112 -34.21 10.30 -39.22
C MET A 112 -33.54 10.95 -38.02
N ILE A 113 -33.82 12.24 -37.82
CA ILE A 113 -33.23 12.98 -36.72
C ILE A 113 -34.16 12.96 -35.51
N SER A 114 -33.66 12.56 -34.34
CA SER A 114 -34.48 12.62 -33.13
C SER A 114 -33.74 13.42 -32.07
N ARG A 115 -34.50 14.05 -31.18
CA ARG A 115 -33.92 14.87 -30.13
C ARG A 115 -34.49 14.51 -28.78
N ASP A 116 -33.61 14.26 -27.82
CA ASP A 116 -34.03 13.93 -26.47
CA ASP A 116 -34.00 13.89 -26.47
C ASP A 116 -33.23 14.73 -25.47
N VAL A 117 -33.67 14.71 -24.21
CA VAL A 117 -33.04 15.49 -23.17
C VAL A 117 -33.13 14.75 -21.84
N SER A 118 -32.13 15.00 -21.02
CA SER A 118 -32.17 14.54 -19.64
CA SER A 118 -32.05 14.45 -19.68
C SER A 118 -31.27 15.45 -18.84
N GLU A 119 -31.16 15.17 -17.56
CA GLU A 119 -30.29 15.96 -16.71
C GLU A 119 -29.21 15.05 -16.17
N TYR A 120 -28.03 15.61 -15.98
CA TYR A 120 -26.85 14.86 -15.58
C TYR A 120 -26.30 15.55 -14.34
N MET A 121 -26.18 14.82 -13.24
CA MET A 121 -25.78 15.41 -11.97
C MET A 121 -24.28 15.37 -11.81
N ILE A 122 -23.67 16.55 -11.74
CA ILE A 122 -22.25 16.68 -11.44
C ILE A 122 -22.08 16.79 -9.94
N THR A 123 -21.30 15.89 -9.35
CA THR A 123 -21.09 15.88 -7.89
C THR A 123 -19.66 16.21 -7.48
N LYS A 124 -18.80 16.55 -8.44
CA LYS A 124 -17.39 16.76 -8.15
C LYS A 124 -16.94 18.16 -8.56
N GLU A 125 -16.16 18.81 -7.69
CA GLU A 125 -15.57 20.13 -7.98
C GLU A 125 -14.58 20.04 -9.14
N GLU A 126 -13.80 18.96 -9.12
CA GLU A 126 -12.84 18.65 -10.15
C GLU A 126 -13.16 17.28 -10.71
N ILE A 127 -13.33 17.18 -12.02
CA ILE A 127 -13.76 15.94 -12.66
C ILE A 127 -12.92 15.68 -13.92
N SER A 128 -12.58 14.42 -14.15
CA SER A 128 -11.73 14.08 -15.27
C SER A 128 -12.56 13.98 -16.52
N LEU A 129 -11.94 14.31 -17.65
CA LEU A 129 -12.58 14.04 -18.92
C LEU A 129 -12.81 12.54 -19.09
N LYS A 130 -11.93 11.73 -18.49
CA LYS A 130 -12.10 10.29 -18.50
C LYS A 130 -13.48 9.84 -18.00
N GLU A 131 -13.86 10.37 -16.85
CA GLU A 131 -15.12 9.98 -16.22
C GLU A 131 -16.31 10.45 -17.04
N LEU A 132 -16.25 11.67 -17.57
CA LEU A 132 -17.37 12.20 -18.35
C LEU A 132 -17.52 11.42 -19.64
N ASP A 133 -16.42 11.22 -20.32
CA ASP A 133 -16.40 10.48 -21.56
C ASP A 133 -17.00 9.09 -21.34
N PHE A 134 -16.51 8.39 -20.34
CA PHE A 134 -16.86 6.98 -20.16
C PHE A 134 -18.32 6.81 -19.75
N LYS A 135 -18.74 7.55 -18.73
CA LYS A 135 -20.11 7.44 -18.23
C LYS A 135 -21.15 7.85 -19.26
N LEU A 136 -20.85 8.93 -19.98
CA LEU A 136 -21.75 9.40 -21.04
C LEU A 136 -21.85 8.41 -22.18
N ARG A 137 -20.73 7.86 -22.65
CA ARG A 137 -20.82 6.87 -23.71
C ARG A 137 -21.59 5.62 -23.24
N LYS A 138 -21.38 5.22 -22.00
CA LYS A 138 -22.08 4.07 -21.48
C LYS A 138 -23.58 4.31 -21.47
N GLN A 139 -23.96 5.48 -20.97
CA GLN A 139 -25.37 5.88 -20.98
C GLN A 139 -25.93 5.90 -22.42
N LEU A 140 -25.16 6.42 -23.36
CA LEU A 140 -25.56 6.44 -24.77
C LEU A 140 -25.73 5.05 -25.37
N ILE A 141 -24.84 4.14 -25.03
CA ILE A 141 -24.95 2.75 -25.47
C ILE A 141 -26.23 2.13 -24.90
N GLU A 142 -26.45 2.30 -23.60
CA GLU A 142 -27.60 1.71 -22.92
C GLU A 142 -28.94 2.30 -23.37
N LYS A 143 -29.02 3.62 -23.52
CA LYS A 143 -30.28 4.30 -23.74
C LYS A 143 -30.55 4.68 -25.19
N HIS A 144 -29.50 4.80 -26.01
CA HIS A 144 -29.64 5.26 -27.38
C HIS A 144 -28.96 4.33 -28.39
N ASN A 145 -28.60 3.15 -27.94
CA ASN A 145 -27.96 2.14 -28.79
C ASN A 145 -26.73 2.65 -29.58
N LEU A 146 -25.94 3.54 -28.97
CA LEU A 146 -24.65 3.93 -29.55
C LEU A 146 -23.83 2.67 -29.77
N TYR A 147 -23.14 2.62 -30.90
CA TYR A 147 -22.37 1.44 -31.31
C TYR A 147 -23.23 0.22 -31.62
N GLY A 148 -24.52 0.44 -31.82
CA GLY A 148 -25.40 -0.57 -32.38
C GLY A 148 -25.35 -0.42 -33.88
N ASN A 149 -26.06 0.57 -34.39
CA ASN A 149 -25.99 0.92 -35.82
C ASN A 149 -25.19 2.16 -36.16
N MET A 150 -25.16 3.11 -35.21
CA MET A 150 -24.47 4.36 -35.39
CA MET A 150 -24.50 4.39 -35.37
C MET A 150 -23.31 4.41 -34.42
N GLY A 151 -22.19 4.99 -34.85
CA GLY A 151 -21.01 5.06 -33.99
C GLY A 151 -20.11 6.23 -34.25
N SER A 152 -20.65 7.32 -34.77
CA SER A 152 -19.89 8.53 -35.01
C SER A 152 -20.62 9.71 -34.40
N GLY A 153 -19.94 10.85 -34.38
CA GLY A 153 -20.47 12.07 -33.82
C GLY A 153 -19.65 12.53 -32.63
N THR A 154 -20.26 13.36 -31.78
CA THR A 154 -19.54 14.00 -30.71
C THR A 154 -20.32 14.05 -29.40
N ILE A 155 -19.56 14.03 -28.32
CA ILE A 155 -20.02 14.53 -27.05
C ILE A 155 -19.27 15.83 -26.84
N VAL A 156 -20.01 16.88 -26.50
CA VAL A 156 -19.43 18.19 -26.24
C VAL A 156 -19.78 18.61 -24.82
N ILE A 157 -18.76 18.80 -23.99
CA ILE A 157 -18.89 19.40 -22.67
C ILE A 157 -18.70 20.90 -22.86
N LYS A 158 -19.77 21.65 -22.65
CA LYS A 158 -19.76 23.08 -22.92
C LYS A 158 -19.54 23.79 -21.59
N MET A 159 -18.52 24.65 -21.55
CA MET A 159 -18.15 25.35 -20.34
C MET A 159 -18.75 26.76 -20.28
N LYS A 160 -18.84 27.31 -19.08
CA LYS A 160 -19.43 28.63 -18.88
C LYS A 160 -18.67 29.80 -19.52
N ASN A 161 -17.39 29.63 -19.80
CA ASN A 161 -16.65 30.67 -20.49
C ASN A 161 -16.76 30.54 -22.01
N GLY A 162 -17.59 29.61 -22.49
CA GLY A 162 -17.77 29.40 -23.93
C GLY A 162 -16.93 28.25 -24.47
N GLY A 163 -16.01 27.75 -23.66
CA GLY A 163 -15.10 26.70 -24.10
C GLY A 163 -15.80 25.36 -24.28
N LYS A 164 -15.17 24.48 -25.06
CA LYS A 164 -15.71 23.17 -25.38
CA LYS A 164 -15.71 23.16 -25.35
C LYS A 164 -14.64 22.10 -25.19
N TYR A 165 -15.02 20.96 -24.65
CA TYR A 165 -14.23 19.74 -24.65
C TYR A 165 -15.03 18.72 -25.47
N THR A 166 -14.42 18.23 -26.54
CA THR A 166 -15.12 17.41 -27.49
C THR A 166 -14.59 15.97 -27.46
N PHE A 167 -15.51 15.01 -27.38
CA PHE A 167 -15.17 13.60 -27.50
C PHE A 167 -15.77 13.04 -28.80
N GLU A 168 -14.90 12.67 -29.73
CA GLU A 168 -15.33 12.10 -31.01
C GLU A 168 -15.66 10.62 -30.84
N LEU A 169 -16.87 10.22 -31.23
CA LEU A 169 -17.41 8.94 -30.84
C LEU A 169 -16.89 7.74 -31.66
N HIS A 170 -16.32 8.02 -32.83
CA HIS A 170 -15.84 6.96 -33.73
C HIS A 170 -14.53 6.32 -33.24
N LYS A 171 -13.94 6.86 -32.18
CA LYS A 171 -12.75 6.28 -31.61
C LYS A 171 -12.71 6.51 -30.12
N LYS A 172 -11.81 5.77 -29.48
CA LYS A 172 -11.66 5.84 -28.04
C LYS A 172 -11.13 7.21 -27.67
N LEU A 173 -11.45 7.69 -26.49
CA LEU A 173 -10.85 8.93 -26.00
C LEU A 173 -9.34 8.76 -26.05
N GLN A 174 -8.65 9.76 -26.60
CA GLN A 174 -7.20 9.73 -26.62
C GLN A 174 -6.62 9.57 -25.21
N GLU A 175 -5.56 8.77 -25.09
CA GLU A 175 -5.06 8.36 -23.80
C GLU A 175 -4.67 9.55 -22.91
N HIS A 176 -3.91 10.49 -23.45
CA HIS A 176 -3.45 11.61 -22.67
C HIS A 176 -4.60 12.45 -22.10
N ARG A 177 -5.73 12.46 -22.79
CA ARG A 177 -6.85 13.27 -22.36
C ARG A 177 -7.56 12.64 -21.17
N MET A 178 -7.31 11.37 -20.90
CA MET A 178 -7.89 10.73 -19.72
C MET A 178 -7.38 11.31 -18.40
N ALA A 179 -6.26 12.01 -18.46
CA ALA A 179 -5.71 12.72 -17.31
C ALA A 179 -6.18 14.17 -17.19
N ASP A 180 -6.81 14.73 -18.22
CA ASP A 180 -7.25 16.11 -18.18
C ASP A 180 -8.42 16.27 -17.23
N VAL A 181 -8.36 17.32 -16.41
CA VAL A 181 -9.37 17.55 -15.39
C VAL A 181 -9.94 18.94 -15.52
N ILE A 182 -11.24 19.06 -15.27
CA ILE A 182 -11.91 20.34 -15.40
C ILE A 182 -12.75 20.64 -14.17
N ASP A 183 -13.17 21.90 -14.08
CA ASP A 183 -13.98 22.37 -12.98
C ASP A 183 -15.41 21.94 -13.27
N GLY A 184 -15.88 20.94 -12.52
CA GLY A 184 -17.22 20.40 -12.68
C GLY A 184 -18.32 21.44 -12.56
N THR A 185 -18.14 22.44 -11.70
CA THR A 185 -19.16 23.48 -11.52
C THR A 185 -19.14 24.55 -12.64
N ASN A 186 -18.14 24.51 -13.52
CA ASN A 186 -18.11 25.42 -14.66
C ASN A 186 -18.65 24.77 -15.92
N ILE A 187 -19.14 23.54 -15.81
CA ILE A 187 -19.82 22.89 -16.92
C ILE A 187 -21.16 23.58 -17.09
N ASP A 188 -21.41 24.09 -18.29
CA ASP A 188 -22.66 24.80 -18.55
C ASP A 188 -23.73 23.78 -18.96
N ASN A 189 -23.43 22.99 -19.97
CA ASN A 189 -24.32 21.91 -20.41
C ASN A 189 -23.53 20.90 -21.22
N ILE A 190 -24.19 19.80 -21.58
CA ILE A 190 -23.59 18.73 -22.35
C ILE A 190 -24.46 18.41 -23.53
N GLU A 191 -23.84 18.33 -24.71
CA GLU A 191 -24.56 18.12 -25.97
C GLU A 191 -24.00 16.93 -26.69
N VAL A 192 -24.88 16.01 -27.05
CA VAL A 192 -24.51 14.83 -27.79
C VAL A 192 -25.13 14.92 -29.17
N ASN A 193 -24.36 14.54 -30.17
CA ASN A 193 -24.80 14.48 -31.57
C ASN A 193 -24.27 13.19 -32.15
N ILE A 194 -25.16 12.23 -32.38
CA ILE A 194 -24.82 10.92 -32.92
C ILE A 194 -25.21 10.85 -34.38
N LYS A 195 -24.34 10.28 -35.21
CA LYS A 195 -24.62 10.14 -36.63
C LYS A 195 -23.86 8.96 -37.20
N GLY B 1 6.73 0.20 46.00
CA GLY B 1 5.74 1.19 45.48
C GLY B 1 5.93 1.44 44.00
N SER B 2 5.93 2.71 43.59
CA SER B 2 6.01 3.04 42.15
C SER B 2 7.36 2.66 41.53
N MET B 3 7.34 2.17 40.30
CA MET B 3 8.56 1.81 39.57
C MET B 3 9.51 3.00 39.50
N THR B 4 10.82 2.73 39.55
CA THR B 4 11.83 3.80 39.59
C THR B 4 12.36 4.10 38.19
N PRO B 5 13.07 5.22 38.03
CA PRO B 5 13.60 5.54 36.70
C PRO B 5 14.83 4.73 36.24
N LYS B 6 15.47 3.98 37.14
CA LYS B 6 16.79 3.38 36.85
C LYS B 6 16.95 2.74 35.46
N TYR B 7 16.18 1.69 35.18
CA TYR B 7 16.22 1.03 33.87
C TYR B 7 14.97 1.30 33.06
N GLU B 8 14.40 2.50 33.23
CA GLU B 8 13.09 2.83 32.65
C GLU B 8 13.11 2.76 31.13
N ASP B 9 14.18 3.26 30.50
CA ASP B 9 14.28 3.26 29.04
C ASP B 9 14.24 1.84 28.48
N LEU B 10 15.04 0.96 29.05
CA LEU B 10 15.09 -0.44 28.63
C LEU B 10 13.78 -1.16 28.92
N ARG B 11 13.23 -0.94 30.12
CA ARG B 11 11.97 -1.56 30.54
C ARG B 11 10.85 -1.15 29.60
N ALA B 12 10.84 0.13 29.23
CA ALA B 12 9.81 0.69 28.38
C ALA B 12 9.96 0.16 26.96
N TYR B 13 11.18 0.12 26.45
CA TYR B 13 11.40 -0.37 25.09
C TYR B 13 10.96 -1.83 24.95
N TYR B 14 11.46 -2.67 25.85
CA TYR B 14 11.22 -4.10 25.74
C TYR B 14 9.86 -4.58 26.26
N THR B 15 9.01 -3.66 26.70
CA THR B 15 7.58 -3.98 26.89
C THR B 15 6.66 -3.31 25.87
N LYS B 16 7.22 -2.67 24.85
CA LYS B 16 6.38 -2.14 23.77
C LYS B 16 5.59 -3.27 23.13
N PRO B 17 4.40 -2.93 22.60
CA PRO B 17 3.76 -3.91 21.72
C PRO B 17 4.62 -4.24 20.51
N SER B 18 4.52 -5.47 20.04
CA SER B 18 5.14 -5.83 18.78
C SER B 18 4.05 -6.21 17.81
N PHE B 19 4.38 -6.20 16.53
CA PHE B 19 3.47 -6.64 15.49
C PHE B 19 4.21 -7.72 14.70
N GLU B 20 3.51 -8.78 14.33
CA GLU B 20 4.16 -9.73 13.47
C GLU B 20 3.23 -10.23 12.41
N PHE B 21 3.76 -10.37 11.20
CA PHE B 21 2.95 -10.83 10.10
C PHE B 21 3.75 -11.86 9.33
N GLU B 22 3.04 -12.78 8.69
CA GLU B 22 3.70 -13.77 7.89
C GLU B 22 3.18 -13.76 6.46
N LYS B 23 3.97 -14.31 5.55
CA LYS B 23 3.54 -14.48 4.15
C LYS B 23 3.13 -13.16 3.55
N GLN B 24 3.96 -12.14 3.72
CA GLN B 24 3.64 -10.80 3.27
C GLN B 24 4.28 -10.48 1.93
N PHE B 25 3.68 -9.55 1.22
CA PHE B 25 4.29 -8.94 0.05
C PHE B 25 5.08 -7.74 0.56
N GLY B 26 6.36 -7.63 0.22
CA GLY B 26 7.17 -6.49 0.62
C GLY B 26 7.24 -5.46 -0.51
N PHE B 27 6.75 -4.26 -0.24
CA PHE B 27 6.83 -3.15 -1.21
C PHE B 27 7.91 -2.16 -0.80
N MET B 28 8.32 -1.33 -1.75
CA MET B 28 9.27 -0.27 -1.46
CA MET B 28 9.28 -0.25 -1.48
C MET B 28 8.65 1.06 -1.87
N LEU B 29 7.90 1.67 -0.95
CA LEU B 29 7.21 2.94 -1.27
C LEU B 29 8.20 4.07 -1.53
N LYS B 30 7.93 4.89 -2.54
CA LYS B 30 8.62 6.18 -2.72
C LYS B 30 8.07 7.25 -1.75
N PRO B 31 8.79 8.35 -1.54
CA PRO B 31 10.12 8.61 -2.10
C PRO B 31 11.23 7.74 -1.50
N TRP B 32 12.26 7.46 -2.30
CA TRP B 32 13.40 6.69 -1.84
C TRP B 32 14.50 7.64 -1.44
N THR B 33 15.11 7.38 -0.28
CA THR B 33 16.26 8.18 0.13
C THR B 33 17.38 7.27 0.59
N THR B 34 18.39 7.81 1.27
CA THR B 34 19.63 7.06 1.51
C THR B 34 19.40 5.88 2.45
N VAL B 35 18.53 6.04 3.43
CA VAL B 35 18.10 4.90 4.25
C VAL B 35 16.90 4.24 3.62
N ARG B 36 17.03 2.97 3.27
CA ARG B 36 15.99 2.27 2.51
C ARG B 36 15.04 1.53 3.46
N PHE B 37 13.81 1.30 3.00
CA PHE B 37 12.76 0.73 3.84
C PHE B 37 11.92 -0.26 3.04
N MET B 38 11.60 -1.39 3.64
CA MET B 38 10.58 -2.27 3.11
CA MET B 38 10.56 -2.22 3.07
C MET B 38 9.23 -1.97 3.76
N ASN B 39 8.17 -2.01 2.98
CA ASN B 39 6.84 -1.74 3.47
C ASN B 39 5.98 -2.99 3.39
N VAL B 40 5.15 -3.22 4.40
CA VAL B 40 4.16 -4.30 4.33
C VAL B 40 2.83 -3.70 4.66
N ILE B 41 1.79 -4.23 4.04
CA ILE B 41 0.42 -3.73 4.22
C ILE B 41 -0.50 -4.93 4.39
N PRO B 42 -0.43 -5.60 5.54
CA PRO B 42 -1.28 -6.77 5.78
C PRO B 42 -2.74 -6.39 5.87
N ASN B 43 -3.03 -5.17 6.32
CA ASN B 43 -4.42 -4.73 6.50
C ASN B 43 -4.74 -3.38 5.89
N ARG B 44 -4.38 -2.29 6.55
CA ARG B 44 -4.62 -0.93 6.08
C ARG B 44 -3.35 -0.12 6.29
N PHE B 45 -2.85 -0.12 7.51
CA PHE B 45 -1.65 0.62 7.86
C PHE B 45 -0.46 0.14 7.04
N ILE B 46 0.36 1.09 6.61
CA ILE B 46 1.56 0.78 5.85
C ILE B 46 2.71 0.79 6.84
N TYR B 47 3.20 -0.40 7.17
CA TYR B 47 4.30 -0.53 8.08
C TYR B 47 5.57 -0.24 7.29
N LYS B 48 6.53 0.36 7.98
CA LYS B 48 7.76 0.80 7.35
C LYS B 48 8.92 0.17 8.15
N ILE B 49 9.79 -0.57 7.47
CA ILE B 49 10.89 -1.30 8.11
C ILE B 49 12.20 -0.93 7.49
N ALA B 50 13.06 -0.31 8.29
CA ALA B 50 14.38 0.12 7.84
C ALA B 50 15.26 -1.06 7.50
N LEU B 51 15.99 -0.93 6.40
CA LEU B 51 16.95 -1.93 5.99
C LEU B 51 18.35 -1.52 6.52
N VAL B 52 18.80 -2.24 7.55
CA VAL B 52 20.08 -1.92 8.20
C VAL B 52 20.96 -3.15 8.18
N GLY B 53 22.23 -2.98 8.56
CA GLY B 53 23.14 -4.11 8.66
C GLY B 53 23.21 -4.86 7.36
N LYS B 54 23.12 -6.18 7.44
CA LYS B 54 23.20 -7.02 6.25
C LYS B 54 22.01 -6.85 5.31
N ASP B 55 20.90 -6.31 5.81
CA ASP B 55 19.75 -5.98 4.94
C ASP B 55 20.02 -4.83 3.94
N GLU B 56 20.97 -3.95 4.23
CA GLU B 56 21.28 -2.82 3.31
C GLU B 56 21.52 -3.28 1.88
N LYS B 57 22.20 -4.41 1.73
CA LYS B 57 22.52 -4.97 0.42
C LYS B 57 21.33 -5.70 -0.23
N LYS B 58 20.39 -6.17 0.60
CA LYS B 58 19.28 -7.01 0.15
C LYS B 58 18.05 -6.23 -0.37
N TYR B 59 17.11 -6.99 -0.92
CA TYR B 59 15.79 -6.46 -1.30
C TYR B 59 15.84 -5.34 -2.37
N LYS B 60 16.77 -5.47 -3.30
CA LYS B 60 16.90 -4.53 -4.41
C LYS B 60 16.02 -4.89 -5.61
N ASP B 61 15.57 -6.15 -5.68
CA ASP B 61 14.82 -6.65 -6.83
C ASP B 61 13.36 -6.93 -6.48
N GLY B 62 12.72 -5.95 -5.85
CA GLY B 62 11.35 -6.10 -5.38
C GLY B 62 10.34 -5.85 -6.48
N PRO B 63 9.06 -6.05 -6.19
CA PRO B 63 8.59 -6.37 -4.84
C PRO B 63 8.68 -7.86 -4.49
N TYR B 64 8.66 -8.15 -3.19
CA TYR B 64 8.96 -9.47 -2.65
C TYR B 64 7.72 -10.10 -2.08
N ASP B 65 7.60 -11.41 -2.24
CA ASP B 65 6.57 -12.11 -1.53
C ASP B 65 7.22 -13.03 -0.51
N ASN B 66 6.39 -13.74 0.25
CA ASN B 66 6.86 -14.67 1.27
C ASN B 66 7.82 -14.04 2.27
N ILE B 67 7.53 -12.81 2.65
CA ILE B 67 8.24 -12.10 3.71
C ILE B 67 7.52 -12.29 5.04
N ASP B 68 8.26 -12.63 6.09
CA ASP B 68 7.77 -12.53 7.48
C ASP B 68 8.42 -11.32 8.12
N VAL B 69 7.68 -10.61 8.98
CA VAL B 69 8.22 -9.45 9.66
C VAL B 69 7.85 -9.48 11.13
N PHE B 70 8.81 -9.08 11.96
CA PHE B 70 8.64 -8.85 13.37
C PHE B 70 8.95 -7.37 13.59
N ILE B 71 7.93 -6.64 14.01
CA ILE B 71 7.91 -5.18 14.02
C ILE B 71 7.79 -4.62 15.43
N VAL B 72 8.64 -3.67 15.75
CA VAL B 72 8.57 -2.88 16.98
C VAL B 72 8.73 -1.45 16.51
N LEU B 73 7.72 -0.63 16.76
CA LEU B 73 7.76 0.76 16.30
C LEU B 73 8.65 1.57 17.22
N GLU B 74 9.67 2.20 16.63
CA GLU B 74 10.64 2.96 17.39
C GLU B 74 10.10 4.30 17.87
N ASP B 75 10.63 4.79 18.99
CA ASP B 75 10.34 6.13 19.47
C ASP B 75 11.31 7.06 18.80
N ASN B 76 10.80 7.96 17.96
CA ASN B 76 11.63 8.97 17.35
C ASN B 76 10.74 10.15 17.10
N LYS B 77 10.73 11.09 18.04
CA LYS B 77 9.79 12.20 17.98
C LYS B 77 10.16 13.20 16.90
N TYR B 78 11.32 13.01 16.26
CA TYR B 78 11.74 13.85 15.16
C TYR B 78 11.40 13.26 13.78
N GLN B 79 10.65 12.15 13.79
CA GLN B 79 10.13 11.55 12.57
C GLN B 79 8.65 11.19 12.80
N LEU B 80 7.77 11.81 12.03
CA LEU B 80 6.33 11.53 12.14
C LEU B 80 5.94 10.11 11.73
N LYS B 81 6.63 9.59 10.71
CA LYS B 81 6.30 8.29 10.14
C LYS B 81 6.84 7.23 11.05
N LYS B 82 5.98 6.37 11.54
CA LYS B 82 6.39 5.33 12.46
C LYS B 82 7.16 4.26 11.68
N TYR B 83 8.23 3.74 12.26
CA TYR B 83 9.02 2.71 11.57
C TYR B 83 9.58 1.72 12.56
N SER B 84 9.91 0.54 12.04
CA SER B 84 10.62 -0.49 12.76
C SER B 84 11.96 -0.69 12.06
N VAL B 85 12.85 -1.45 12.68
CA VAL B 85 14.19 -1.70 12.15
C VAL B 85 14.48 -3.19 12.15
N GLY B 86 14.88 -3.72 11.00
CA GLY B 86 15.25 -5.13 10.87
C GLY B 86 14.07 -6.06 11.01
N GLY B 87 14.34 -7.29 11.45
CA GLY B 87 13.31 -8.27 11.74
C GLY B 87 12.63 -8.87 10.51
N ILE B 88 13.31 -8.85 9.37
CA ILE B 88 12.73 -9.36 8.13
C ILE B 88 13.31 -10.72 7.80
N THR B 89 12.46 -11.70 7.54
CA THR B 89 12.87 -13.06 7.25
C THR B 89 12.00 -13.64 6.14
N LYS B 90 12.44 -14.76 5.57
CA LYS B 90 11.62 -15.48 4.60
C LYS B 90 10.64 -16.40 5.36
N THR B 91 9.39 -16.48 4.87
CA THR B 91 8.37 -17.33 5.50
CA THR B 91 8.39 -17.34 5.56
C THR B 91 8.75 -18.81 5.47
N ASN B 92 8.23 -19.57 6.41
CA ASN B 92 8.45 -21.01 6.47
C ASN B 92 8.02 -21.70 5.18
N SER B 93 8.84 -22.63 4.71
CA SER B 93 8.47 -23.50 3.62
C SER B 93 7.67 -24.69 4.15
N LYS B 94 7.69 -24.89 5.46
CA LYS B 94 6.88 -25.93 6.11
C LYS B 94 6.75 -25.62 7.59
N LYS B 95 5.86 -26.35 8.27
CA LYS B 95 5.71 -26.21 9.72
C LYS B 95 6.99 -26.59 10.42
N VAL B 96 7.31 -25.84 11.47
CA VAL B 96 8.47 -26.08 12.32
C VAL B 96 8.01 -26.05 13.78
N ASN B 97 8.41 -27.05 14.54
CA ASN B 97 8.16 -27.07 15.98
C ASN B 97 9.42 -27.58 16.65
N HIS B 98 10.36 -26.67 16.85
CA HIS B 98 11.69 -27.05 17.31
C HIS B 98 11.82 -26.65 18.78
N LYS B 99 11.84 -27.65 19.67
CA LYS B 99 11.85 -27.40 21.10
C LYS B 99 13.28 -27.23 21.58
N VAL B 100 13.55 -26.18 22.35
CA VAL B 100 14.88 -25.98 22.92
C VAL B 100 14.81 -25.66 24.41
N GLU B 101 15.83 -26.05 25.15
CA GLU B 101 15.88 -25.70 26.55
C GLU B 101 16.20 -24.24 26.71
N LEU B 102 15.38 -23.57 27.52
CA LEU B 102 15.63 -22.23 28.02
C LEU B 102 15.96 -22.32 29.49
N SER B 103 17.16 -21.92 29.87
CA SER B 103 17.52 -21.85 31.29
C SER B 103 17.81 -20.41 31.68
N ILE B 104 17.21 -19.97 32.79
CA ILE B 104 17.36 -18.61 33.29
C ILE B 104 17.98 -18.66 34.68
N THR B 105 19.16 -18.06 34.82
CA THR B 105 19.84 -17.98 36.11
C THR B 105 19.85 -16.52 36.55
N LYS B 106 19.53 -16.27 37.82
CA LYS B 106 19.30 -14.90 38.29
C LYS B 106 19.93 -14.66 39.66
N LYS B 107 20.67 -13.56 39.78
CA LYS B 107 21.20 -13.10 41.06
C LYS B 107 20.55 -11.76 41.41
N ASP B 108 19.95 -11.68 42.61
CA ASP B 108 19.32 -10.44 43.07
C ASP B 108 20.27 -9.57 43.91
N ASN B 109 19.84 -8.35 44.20
CA ASN B 109 20.67 -7.38 44.94
C ASN B 109 20.99 -7.80 46.37
N GLN B 110 20.24 -8.76 46.91
CA GLN B 110 20.59 -9.40 48.19
C GLN B 110 21.65 -10.50 47.98
N GLY B 111 21.88 -10.90 46.74
CA GLY B 111 22.91 -11.89 46.38
C GLY B 111 22.40 -13.32 46.20
N MET B 112 21.09 -13.53 46.37
CA MET B 112 20.49 -14.85 46.22
C MET B 112 20.46 -15.30 44.75
N ILE B 113 20.93 -16.52 44.52
CA ILE B 113 20.91 -17.13 43.19
C ILE B 113 19.66 -17.98 43.06
N SER B 114 19.06 -17.97 41.88
CA SER B 114 17.96 -18.89 41.56
C SER B 114 18.10 -19.29 40.09
N ARG B 115 17.75 -20.55 39.78
CA ARG B 115 17.85 -21.09 38.43
C ARG B 115 16.52 -21.72 37.99
N ASP B 116 16.13 -21.46 36.74
CA ASP B 116 14.85 -21.94 36.21
C ASP B 116 14.99 -22.48 34.80
N VAL B 117 14.56 -23.73 34.58
CA VAL B 117 14.71 -24.38 33.29
C VAL B 117 13.34 -24.70 32.72
N SER B 118 13.15 -24.38 31.45
CA SER B 118 11.91 -24.68 30.77
C SER B 118 12.15 -24.99 29.29
N GLU B 119 11.08 -25.37 28.61
CA GLU B 119 11.13 -25.73 27.21
C GLU B 119 10.57 -24.58 26.37
N TYR B 120 11.27 -24.22 25.31
CA TYR B 120 10.96 -23.04 24.48
C TYR B 120 10.80 -23.46 23.02
N MET B 121 9.69 -23.07 22.39
CA MET B 121 9.32 -23.58 21.09
C MET B 121 9.70 -22.60 19.97
N ILE B 122 10.55 -23.05 19.05
CA ILE B 122 10.89 -22.27 17.89
C ILE B 122 10.04 -22.73 16.70
N THR B 123 9.33 -21.80 16.07
CA THR B 123 8.39 -22.16 15.02
C THR B 123 8.75 -21.55 13.68
N LYS B 124 9.96 -21.02 13.57
CA LYS B 124 10.41 -20.41 12.33
C LYS B 124 11.73 -21.00 11.83
N GLU B 125 11.75 -21.37 10.54
CA GLU B 125 12.96 -21.85 9.85
C GLU B 125 14.06 -20.78 9.90
N GLU B 126 13.68 -19.54 9.62
CA GLU B 126 14.56 -18.38 9.69
CA GLU B 126 14.60 -18.44 9.81
C GLU B 126 14.01 -17.34 10.66
N ILE B 127 14.81 -16.92 11.63
CA ILE B 127 14.41 -15.99 12.65
C ILE B 127 15.48 -14.92 12.87
N SER B 128 15.03 -13.67 12.99
CA SER B 128 15.94 -12.57 13.23
C SER B 128 16.36 -12.55 14.68
N LEU B 129 17.57 -12.07 14.90
CA LEU B 129 18.02 -11.84 16.26
C LEU B 129 17.12 -10.82 16.92
N LYS B 130 16.60 -9.86 16.14
CA LYS B 130 15.65 -8.88 16.66
C LYS B 130 14.53 -9.56 17.42
N GLU B 131 13.90 -10.54 16.78
CA GLU B 131 12.73 -11.21 17.35
C GLU B 131 13.10 -12.04 18.59
N LEU B 132 14.23 -12.73 18.56
CA LEU B 132 14.67 -13.50 19.72
C LEU B 132 14.99 -12.56 20.90
N ASP B 133 15.75 -11.51 20.62
CA ASP B 133 16.15 -10.54 21.63
C ASP B 133 14.94 -9.88 22.28
N PHE B 134 14.01 -9.40 21.43
CA PHE B 134 12.85 -8.69 21.94
C PHE B 134 11.90 -9.60 22.76
N LYS B 135 11.54 -10.73 22.20
CA LYS B 135 10.59 -11.61 22.89
C LYS B 135 11.16 -12.12 24.21
N LEU B 136 12.43 -12.50 24.21
CA LEU B 136 13.04 -13.06 25.42
C LEU B 136 13.14 -11.99 26.51
N ARG B 137 13.59 -10.79 26.16
CA ARG B 137 13.63 -9.72 27.16
C ARG B 137 12.24 -9.39 27.70
N LYS B 138 11.24 -9.34 26.83
CA LYS B 138 9.90 -9.05 27.29
C LYS B 138 9.47 -10.10 28.32
N GLN B 139 9.71 -11.36 28.00
CA GLN B 139 9.37 -12.44 28.90
C GLN B 139 10.17 -12.35 30.21
N LEU B 140 11.43 -11.94 30.14
CA LEU B 140 12.23 -11.75 31.36
C LEU B 140 11.74 -10.58 32.22
N ILE B 141 11.22 -9.53 31.58
CA ILE B 141 10.62 -8.41 32.29
C ILE B 141 9.32 -8.85 32.97
N GLU B 142 8.47 -9.54 32.25
CA GLU B 142 7.17 -9.96 32.78
C GLU B 142 7.28 -11.03 33.87
N LYS B 143 8.17 -11.99 33.71
CA LYS B 143 8.20 -13.16 34.58
C LYS B 143 9.32 -13.15 35.61
N HIS B 144 10.42 -12.47 35.30
CA HIS B 144 11.61 -12.51 36.17
C HIS B 144 12.07 -11.13 36.64
N ASN B 145 11.23 -10.11 36.47
CA ASN B 145 11.51 -8.74 36.91
C ASN B 145 12.79 -8.10 36.37
N LEU B 146 13.18 -8.47 35.15
CA LEU B 146 14.31 -7.81 34.50
C LEU B 146 14.03 -6.32 34.35
N TYR B 147 15.04 -5.50 34.61
CA TYR B 147 14.96 -4.04 34.64
C TYR B 147 14.10 -3.50 35.77
N GLY B 148 13.89 -4.30 36.81
CA GLY B 148 13.26 -3.81 38.03
C GLY B 148 14.40 -3.37 38.91
N ASN B 149 15.01 -4.34 39.59
CA ASN B 149 16.22 -4.08 40.37
C ASN B 149 17.50 -4.40 39.60
N MET B 150 17.50 -5.50 38.84
CA MET B 150 18.67 -5.85 38.03
C MET B 150 18.44 -5.53 36.56
N GLY B 151 19.52 -5.15 35.87
CA GLY B 151 19.48 -4.92 34.43
C GLY B 151 20.76 -5.31 33.72
N SER B 152 21.52 -6.26 34.26
CA SER B 152 22.76 -6.71 33.64
C SER B 152 22.73 -8.20 33.38
N GLY B 153 23.64 -8.64 32.52
CA GLY B 153 23.75 -10.06 32.19
C GLY B 153 23.67 -10.30 30.69
N THR B 154 23.32 -11.53 30.34
CA THR B 154 23.34 -11.95 28.95
C THR B 154 22.21 -12.91 28.61
N ILE B 155 21.73 -12.79 27.37
CA ILE B 155 21.04 -13.89 26.71
C ILE B 155 22.02 -14.46 25.69
N VAL B 156 22.19 -15.78 25.71
CA VAL B 156 23.07 -16.43 24.76
C VAL B 156 22.27 -17.45 23.98
N ILE B 157 22.20 -17.26 22.67
CA ILE B 157 21.61 -18.24 21.78
C ILE B 157 22.72 -19.17 21.31
N LYS B 158 22.66 -20.44 21.69
CA LYS B 158 23.71 -21.41 21.35
C LYS B 158 23.25 -22.27 20.18
N MET B 159 24.09 -22.36 19.16
CA MET B 159 23.74 -23.06 17.93
C MET B 159 24.35 -24.44 17.90
N LYS B 160 23.72 -25.35 17.16
CA LYS B 160 24.18 -26.72 17.04
C LYS B 160 25.55 -26.84 16.38
N ASN B 161 25.97 -25.85 15.60
CA ASN B 161 27.33 -25.86 15.01
C ASN B 161 28.40 -25.22 15.93
N GLY B 162 28.01 -24.87 17.15
CA GLY B 162 28.96 -24.37 18.13
C GLY B 162 29.00 -22.86 18.17
N GLY B 163 28.29 -22.20 17.27
CA GLY B 163 28.23 -20.74 17.25
C GLY B 163 27.37 -20.23 18.37
N LYS B 164 27.55 -18.97 18.72
CA LYS B 164 26.66 -18.35 19.69
C LYS B 164 26.39 -16.91 19.31
N TYR B 165 25.25 -16.42 19.75
CA TYR B 165 24.86 -15.03 19.58
C TYR B 165 24.52 -14.51 20.97
N THR B 166 25.18 -13.42 21.36
CA THR B 166 25.04 -12.89 22.70
C THR B 166 24.32 -11.55 22.68
N PHE B 167 23.29 -11.43 23.54
CA PHE B 167 22.60 -10.16 23.75
C PHE B 167 22.93 -9.68 25.17
N GLU B 168 23.65 -8.56 25.27
CA GLU B 168 24.03 -7.99 26.57
C GLU B 168 22.84 -7.22 27.11
N LEU B 169 22.38 -7.58 28.31
CA LEU B 169 21.15 -7.02 28.85
C LEU B 169 21.21 -5.57 29.31
N HIS B 170 22.41 -5.04 29.58
CA HIS B 170 22.56 -3.67 30.10
C HIS B 170 22.35 -2.60 29.02
N LYS B 171 22.32 -3.01 27.76
CA LYS B 171 22.01 -2.07 26.69
C LYS B 171 21.09 -2.68 25.66
N LYS B 172 20.45 -1.81 24.90
CA LYS B 172 19.60 -2.21 23.79
C LYS B 172 20.39 -3.06 22.79
N LEU B 173 19.74 -4.01 22.12
CA LEU B 173 20.39 -4.71 21.02
C LEU B 173 20.89 -3.71 19.96
N GLN B 174 22.13 -3.88 19.50
CA GLN B 174 22.70 -2.99 18.50
C GLN B 174 21.86 -3.03 17.21
N GLU B 175 21.62 -1.87 16.62
CA GLU B 175 20.74 -1.76 15.47
C GLU B 175 21.07 -2.70 14.33
N HIS B 176 22.32 -2.72 13.90
CA HIS B 176 22.68 -3.50 12.73
C HIS B 176 22.36 -5.00 12.96
N ARG B 177 22.40 -5.45 14.21
CA ARG B 177 22.19 -6.86 14.50
C ARG B 177 20.70 -7.24 14.45
N MET B 178 19.82 -6.26 14.44
CA MET B 178 18.39 -6.51 14.26
C MET B 178 18.06 -7.09 12.90
N ALA B 179 18.94 -6.89 11.93
CA ALA B 179 18.77 -7.48 10.62
C ALA B 179 19.40 -8.86 10.47
N ASP B 180 20.16 -9.33 11.46
CA ASP B 180 20.83 -10.63 11.34
C ASP B 180 19.81 -11.74 11.50
N VAL B 181 19.84 -12.71 10.60
N VAL B 181 19.87 -12.73 10.61
CA VAL B 181 18.88 -13.81 10.63
CA VAL B 181 18.91 -13.82 10.57
C VAL B 181 19.61 -15.14 10.71
C VAL B 181 19.64 -15.13 10.74
N ILE B 182 19.08 -16.03 11.54
CA ILE B 182 19.69 -17.33 11.78
C ILE B 182 18.72 -18.46 11.48
N ASP B 183 19.27 -19.66 11.37
CA ASP B 183 18.46 -20.85 11.15
C ASP B 183 17.83 -21.28 12.48
N GLY B 184 16.53 -21.04 12.63
CA GLY B 184 15.82 -21.36 13.87
C GLY B 184 15.93 -22.82 14.27
N THR B 185 15.97 -23.73 13.29
CA THR B 185 16.03 -25.16 13.60
C THR B 185 17.41 -25.61 14.08
N ASN B 186 18.42 -24.76 13.90
CA ASN B 186 19.76 -25.07 14.36
C ASN B 186 20.10 -24.44 15.71
N ILE B 187 19.13 -23.81 16.35
CA ILE B 187 19.32 -23.35 17.72
C ILE B 187 19.35 -24.58 18.62
N ASP B 188 20.32 -24.61 19.53
CA ASP B 188 20.54 -25.74 20.41
CA ASP B 188 20.51 -25.75 20.41
C ASP B 188 19.86 -25.50 21.77
N ASN B 189 20.16 -24.35 22.36
CA ASN B 189 19.57 -23.98 23.64
C ASN B 189 19.78 -22.50 23.87
N ILE B 190 19.05 -21.96 24.85
CA ILE B 190 19.12 -20.54 25.18
C ILE B 190 19.50 -20.40 26.64
N GLU B 191 20.55 -19.63 26.91
CA GLU B 191 21.04 -19.43 28.28
C GLU B 191 20.94 -17.98 28.70
N VAL B 192 20.22 -17.74 29.79
CA VAL B 192 20.05 -16.40 30.30
C VAL B 192 20.70 -16.29 31.67
N ASN B 193 21.52 -15.26 31.86
CA ASN B 193 22.10 -14.96 33.14
C ASN B 193 21.84 -13.50 33.47
N ILE B 194 21.14 -13.28 34.57
CA ILE B 194 20.76 -11.93 35.00
C ILE B 194 21.47 -11.60 36.30
N LYS B 195 21.85 -10.33 36.46
CA LYS B 195 22.60 -9.88 37.65
C LYS B 195 22.54 -8.36 37.84
#